data_1HE3
#
_entry.id   1HE3
#
_cell.length_a   40.200
_cell.length_b   49.400
_cell.length_c   107.100
_cell.angle_alpha   90.00
_cell.angle_beta   90.00
_cell.angle_gamma   90.00
#
_symmetry.space_group_name_H-M   'P 21 21 21'
#
loop_
_entity.id
_entity.type
_entity.pdbx_description
1 polymer 'BILIVERDIN IX BETA REDUCTASE'
2 non-polymer 'NADP NICOTINAMIDE-ADENINE-DINUCLEOTIDE PHOSPHATE'
3 non-polymer 'MESOBILIVERDIN IV ALPHA'
4 water water
#
_entity_poly.entity_id   1
_entity_poly.type   'polypeptide(L)'
_entity_poly.pdbx_seq_one_letter_code
;MAVKKIAIFGATGQTGLTTLAQAVQAGYEVTVLVRDSSRLPSEGPRPAHVVVGDVLQAADVDKTVAGQDAVIVLLGTRND
LSPTTVMSEGARNIVAAMKAHGVDKVVACTSAFLLWDPTKVPPRLQAVTDDHIRMHKVLRESGLKYVAVMPPHIGDQPLT
GAYTVTLDGRGPSRVISKHDLGHFMLRCLTTDEYDGHSTYPSHQYQ
;
_entity_poly.pdbx_strand_id   A
#
loop_
_chem_comp.id
_chem_comp.type
_chem_comp.name
_chem_comp.formula
MBV non-polymer 'MESOBILIVERDIN IV ALPHA' 'C33 H38 N4 O6'
NAP non-polymer 'NADP NICOTINAMIDE-ADENINE-DINUCLEOTIDE PHOSPHATE' 'C21 H28 N7 O17 P3'
#
# COMPACT_ATOMS: atom_id res chain seq x y z
N ALA A 2 1.63 -20.37 1.58
CA ALA A 2 0.88 -19.19 1.91
C ALA A 2 1.76 -18.11 2.52
N VAL A 3 1.30 -16.87 2.36
CA VAL A 3 2.09 -15.75 2.86
C VAL A 3 2.05 -15.77 4.38
N LYS A 4 3.17 -15.68 5.09
CA LYS A 4 3.16 -15.60 6.56
C LYS A 4 3.82 -14.33 7.06
N LYS A 5 4.95 -13.98 6.44
CA LYS A 5 5.76 -12.85 6.82
C LYS A 5 5.52 -11.73 5.83
N ILE A 6 5.18 -10.54 6.32
CA ILE A 6 5.05 -9.41 5.39
C ILE A 6 5.76 -8.18 5.95
N ALA A 7 6.21 -7.37 5.00
CA ALA A 7 6.65 -6.01 5.32
C ALA A 7 5.55 -5.04 4.94
N ILE A 8 5.31 -4.07 5.81
CA ILE A 8 4.42 -2.96 5.45
C ILE A 8 5.20 -1.64 5.43
N PHE A 9 5.07 -0.90 4.33
CA PHE A 9 5.64 0.45 4.22
C PHE A 9 4.51 1.43 4.39
N GLY A 10 4.70 2.50 5.14
CA GLY A 10 3.62 3.42 5.39
C GLY A 10 2.69 2.93 6.48
N ALA A 11 3.16 2.10 7.40
CA ALA A 11 2.32 1.53 8.42
C ALA A 11 1.83 2.58 9.43
N THR A 12 2.43 3.75 9.49
CA THR A 12 1.98 4.70 10.51
C THR A 12 0.98 5.69 9.95
N GLY A 13 0.65 5.57 8.68
CA GLY A 13 -0.33 6.48 8.07
C GLY A 13 -1.73 5.99 8.38
N GLN A 14 -2.71 6.73 7.84
CA GLN A 14 -4.10 6.49 8.16
C GLN A 14 -4.51 5.06 7.85
N THR A 15 -4.24 4.66 6.60
CA THR A 15 -4.60 3.30 6.19
C THR A 15 -3.59 2.31 6.74
N GLY A 16 -2.31 2.72 6.79
CA GLY A 16 -1.29 1.82 7.33
C GLY A 16 -1.59 1.32 8.74
N LEU A 17 -2.07 2.25 9.61
CA LEU A 17 -2.22 1.82 10.99
C LEU A 17 -3.23 0.69 11.13
N THR A 18 -4.37 0.84 10.39
CA THR A 18 -5.37 -0.22 10.54
C THR A 18 -4.97 -1.47 9.76
N THR A 19 -4.26 -1.31 8.65
CA THR A 19 -3.76 -2.48 7.94
C THR A 19 -2.82 -3.28 8.82
N LEU A 20 -1.93 -2.55 9.51
CA LEU A 20 -0.99 -3.21 10.43
C LEU A 20 -1.75 -3.95 11.52
N ALA A 21 -2.70 -3.26 12.16
CA ALA A 21 -3.44 -3.91 13.25
C ALA A 21 -4.16 -5.14 12.73
N GLN A 22 -4.82 -5.01 11.58
CA GLN A 22 -5.54 -6.15 11.01
C GLN A 22 -4.62 -7.30 10.67
N ALA A 23 -3.44 -6.94 10.10
CA ALA A 23 -2.52 -8.00 9.70
C ALA A 23 -2.02 -8.79 10.89
N VAL A 24 -1.68 -8.05 11.95
CA VAL A 24 -1.22 -8.78 13.16
C VAL A 24 -2.34 -9.63 13.73
N GLN A 25 -3.55 -9.04 13.77
CA GLN A 25 -4.68 -9.80 14.37
C GLN A 25 -4.96 -11.03 13.52
N ALA A 26 -4.75 -10.97 12.20
CA ALA A 26 -5.01 -12.09 11.30
C ALA A 26 -3.94 -13.18 11.37
N GLY A 27 -2.81 -12.93 12.03
CA GLY A 27 -1.83 -14.00 12.19
C GLY A 27 -0.55 -13.79 11.40
N TYR A 28 -0.43 -12.68 10.67
CA TYR A 28 0.81 -12.42 9.93
C TYR A 28 1.92 -12.01 10.89
N GLU A 29 3.14 -12.34 10.53
CA GLU A 29 4.34 -11.87 11.18
C GLU A 29 4.78 -10.61 10.42
N VAL A 30 4.62 -9.47 11.04
CA VAL A 30 4.70 -8.21 10.32
C VAL A 30 5.93 -7.41 10.70
N THR A 31 6.66 -6.98 9.71
CA THR A 31 7.77 -6.06 9.85
C THR A 31 7.36 -4.71 9.31
N VAL A 32 7.66 -3.62 10.01
CA VAL A 32 7.37 -2.29 9.51
C VAL A 32 8.64 -1.46 9.44
N LEU A 33 8.74 -0.58 8.45
CA LEU A 33 9.78 0.44 8.37
C LEU A 33 9.16 1.76 8.76
N VAL A 34 9.66 2.40 9.82
CA VAL A 34 9.08 3.66 10.25
C VAL A 34 10.21 4.65 10.49
N ARG A 35 10.00 5.90 10.13
CA ARG A 35 10.97 6.97 10.45
C ARG A 35 10.94 7.29 11.92
N ASP A 36 9.77 7.22 12.52
CA ASP A 36 9.57 7.68 13.90
C ASP A 36 8.70 6.67 14.62
N SER A 37 9.31 5.92 15.52
CA SER A 37 8.54 4.84 16.16
C SER A 37 7.47 5.34 17.12
N SER A 38 7.49 6.61 17.51
CA SER A 38 6.45 7.13 18.39
C SER A 38 5.11 7.22 17.66
N ARG A 39 5.17 7.07 16.32
CA ARG A 39 3.94 7.08 15.55
C ARG A 39 3.26 5.73 15.53
N LEU A 40 3.87 4.71 16.12
CA LEU A 40 3.20 3.42 16.26
C LEU A 40 2.43 3.39 17.56
N PRO A 41 1.26 2.81 17.59
CA PRO A 41 0.53 2.75 18.87
C PRO A 41 1.04 1.74 19.87
N SER A 42 0.70 1.99 21.15
CA SER A 42 0.99 0.98 22.18
C SER A 42 -0.18 0.01 22.37
N GLU A 43 -1.41 0.56 22.27
CA GLU A 43 -2.55 -0.34 22.48
C GLU A 43 -2.80 -1.15 21.21
N GLY A 44 -3.46 -2.28 21.38
CA GLY A 44 -3.87 -3.06 20.20
C GLY A 44 -2.75 -3.93 19.70
N PRO A 45 -2.98 -4.58 18.57
CA PRO A 45 -1.97 -5.49 17.99
C PRO A 45 -0.68 -4.76 17.61
N ARG A 46 0.46 -5.45 17.75
CA ARG A 46 1.76 -4.85 17.61
C ARG A 46 2.57 -5.60 16.57
N PRO A 47 3.35 -4.91 15.76
CA PRO A 47 4.15 -5.61 14.76
C PRO A 47 5.21 -6.52 15.42
N ALA A 48 5.56 -7.57 14.69
CA ALA A 48 6.59 -8.44 15.23
C ALA A 48 7.95 -7.77 15.18
N HIS A 49 8.22 -6.92 14.21
CA HIS A 49 9.57 -6.39 13.95
C HIS A 49 9.44 -4.93 13.52
N VAL A 50 10.26 -4.07 14.12
CA VAL A 50 10.22 -2.64 13.78
C VAL A 50 11.60 -2.26 13.28
N VAL A 51 11.69 -1.76 12.04
CA VAL A 51 12.93 -1.19 11.54
C VAL A 51 12.80 0.33 11.55
N VAL A 52 13.73 1.04 12.19
CA VAL A 52 13.68 2.49 12.12
C VAL A 52 14.57 2.96 10.98
N GLY A 53 13.95 3.75 10.11
CA GLY A 53 14.68 4.22 8.93
C GLY A 53 13.73 4.81 7.91
N ASP A 54 14.24 4.97 6.70
CA ASP A 54 13.59 5.76 5.67
C ASP A 54 13.43 4.99 4.37
N VAL A 55 12.29 5.08 3.70
CA VAL A 55 12.14 4.28 2.46
C VAL A 55 13.03 4.80 1.36
N LEU A 56 13.60 6.00 1.55
CA LEU A 56 14.53 6.57 0.55
C LEU A 56 15.95 6.05 0.74
N GLN A 57 16.21 5.32 1.80
CA GLN A 57 17.51 4.70 2.05
C GLN A 57 17.47 3.22 1.71
N ALA A 58 18.21 2.88 0.67
CA ALA A 58 18.15 1.52 0.16
C ALA A 58 18.47 0.53 1.26
N ALA A 59 19.44 0.84 2.14
CA ALA A 59 19.83 -0.16 3.14
C ALA A 59 18.70 -0.39 4.13
N ASP A 60 17.96 0.70 4.40
CA ASP A 60 16.84 0.54 5.35
C ASP A 60 15.74 -0.35 4.78
N VAL A 61 15.46 -0.10 3.50
CA VAL A 61 14.45 -0.90 2.79
C VAL A 61 14.92 -2.35 2.71
N ASP A 62 16.20 -2.52 2.41
CA ASP A 62 16.69 -3.89 2.26
C ASP A 62 16.47 -4.67 3.55
N LYS A 63 16.75 -4.05 4.69
CA LYS A 63 16.64 -4.71 5.97
C LYS A 63 15.21 -5.07 6.29
N THR A 64 14.29 -4.28 5.75
CA THR A 64 12.88 -4.53 6.00
C THR A 64 12.29 -5.61 5.12
N VAL A 65 12.79 -5.69 3.87
CA VAL A 65 12.25 -6.64 2.89
C VAL A 65 12.88 -8.01 3.08
N ALA A 66 14.09 -8.08 3.61
CA ALA A 66 14.75 -9.38 3.80
C ALA A 66 13.87 -10.37 4.55
N GLY A 67 13.71 -11.58 3.99
CA GLY A 67 13.05 -12.73 4.62
C GLY A 67 11.53 -12.64 4.49
N GLN A 68 10.95 -11.61 3.84
CA GLN A 68 9.51 -11.53 3.76
C GLN A 68 8.93 -12.43 2.68
N ASP A 69 7.64 -12.72 2.83
CA ASP A 69 6.90 -13.42 1.78
C ASP A 69 6.20 -12.46 0.81
N ALA A 70 5.87 -11.26 1.27
CA ALA A 70 5.16 -10.30 0.48
C ALA A 70 5.33 -8.91 1.09
N VAL A 71 5.00 -7.91 0.32
CA VAL A 71 5.15 -6.53 0.73
C VAL A 71 3.85 -5.75 0.48
N ILE A 72 3.42 -4.98 1.45
CA ILE A 72 2.34 -4.02 1.28
C ILE A 72 2.88 -2.60 1.32
N VAL A 73 2.43 -1.80 0.35
CA VAL A 73 2.91 -0.42 0.25
C VAL A 73 1.74 0.53 0.43
N LEU A 74 1.86 1.32 1.50
CA LEU A 74 0.87 2.34 1.86
C LEU A 74 1.59 3.64 2.14
N LEU A 75 2.64 3.89 1.35
CA LEU A 75 3.33 5.17 1.36
C LEU A 75 2.44 6.32 0.88
N GLY A 76 2.71 7.50 1.40
CA GLY A 76 1.93 8.67 1.03
C GLY A 76 2.64 9.91 1.56
N THR A 77 2.06 11.05 1.26
CA THR A 77 2.70 12.31 1.65
C THR A 77 1.97 13.10 2.72
N ARG A 78 1.07 12.41 3.42
CA ARG A 78 0.12 12.97 4.42
C ARG A 78 -0.53 14.20 3.81
N ASN A 79 -0.34 15.39 4.35
CA ASN A 79 -1.07 16.54 3.82
C ASN A 79 -0.23 17.32 2.83
N ASP A 80 0.95 16.76 2.48
CA ASP A 80 1.84 17.55 1.64
C ASP A 80 1.48 17.32 0.16
N LEU A 81 1.10 18.38 -0.57
CA LEU A 81 0.72 18.21 -1.98
C LEU A 81 1.81 18.71 -2.92
N SER A 82 2.99 19.02 -2.40
CA SER A 82 4.09 19.50 -3.23
C SER A 82 4.60 18.50 -4.25
N PRO A 83 5.21 18.92 -5.35
CA PRO A 83 5.90 18.00 -6.26
C PRO A 83 6.78 17.06 -5.47
N THR A 84 6.80 15.80 -5.92
CA THR A 84 7.39 14.80 -5.02
C THR A 84 7.80 13.55 -5.77
N THR A 85 8.85 12.91 -5.24
CA THR A 85 9.23 11.63 -5.81
C THR A 85 9.39 10.61 -4.66
N VAL A 86 8.88 10.93 -3.46
CA VAL A 86 9.10 10.02 -2.35
C VAL A 86 8.53 8.65 -2.62
N MET A 87 7.28 8.61 -3.08
CA MET A 87 6.67 7.27 -3.26
C MET A 87 7.35 6.48 -4.36
N SER A 88 7.61 7.13 -5.51
CA SER A 88 8.22 6.35 -6.59
C SER A 88 9.66 5.97 -6.28
N GLU A 89 10.43 6.86 -5.66
CA GLU A 89 11.80 6.45 -5.30
C GLU A 89 11.75 5.36 -4.24
N GLY A 90 10.80 5.48 -3.29
CA GLY A 90 10.63 4.41 -2.30
C GLY A 90 10.32 3.10 -3.01
N ALA A 91 9.42 3.14 -3.99
CA ALA A 91 9.09 1.90 -4.71
C ALA A 91 10.28 1.35 -5.45
N ARG A 92 11.11 2.22 -6.04
CA ARG A 92 12.34 1.72 -6.68
C ARG A 92 13.20 0.97 -5.66
N ASN A 93 13.34 1.52 -4.47
CA ASN A 93 14.14 0.79 -3.48
C ASN A 93 13.47 -0.53 -3.08
N ILE A 94 12.14 -0.50 -2.96
CA ILE A 94 11.41 -1.72 -2.56
C ILE A 94 11.58 -2.77 -3.61
N VAL A 95 11.46 -2.44 -4.89
CA VAL A 95 11.61 -3.43 -5.95
C VAL A 95 13.00 -4.00 -5.92
N ALA A 96 14.03 -3.15 -5.73
CA ALA A 96 15.41 -3.66 -5.74
C ALA A 96 15.60 -4.60 -4.57
N ALA A 97 15.04 -4.28 -3.41
CA ALA A 97 15.22 -5.13 -2.24
C ALA A 97 14.45 -6.43 -2.41
N MET A 98 13.24 -6.37 -2.99
CA MET A 98 12.51 -7.62 -3.30
C MET A 98 13.32 -8.56 -4.19
N LYS A 99 13.88 -8.00 -5.27
CA LYS A 99 14.67 -8.84 -6.20
C LYS A 99 15.91 -9.34 -5.52
N ALA A 100 16.54 -8.51 -4.66
CA ALA A 100 17.75 -8.96 -3.98
C ALA A 100 17.45 -10.12 -3.01
N HIS A 101 16.22 -10.23 -2.51
CA HIS A 101 15.87 -11.16 -1.45
C HIS A 101 14.88 -12.22 -1.87
N GLY A 102 14.53 -12.25 -3.15
CA GLY A 102 13.68 -13.35 -3.65
C GLY A 102 12.21 -13.18 -3.31
N VAL A 103 11.81 -11.96 -2.94
CA VAL A 103 10.40 -11.68 -2.60
C VAL A 103 9.65 -11.30 -3.86
N ASP A 104 8.46 -11.91 -4.07
CA ASP A 104 7.90 -11.71 -5.42
C ASP A 104 6.47 -11.20 -5.43
N LYS A 105 5.94 -10.73 -4.31
CA LYS A 105 4.52 -10.31 -4.23
C LYS A 105 4.43 -8.95 -3.60
N VAL A 106 3.87 -7.97 -4.29
CA VAL A 106 3.74 -6.63 -3.73
C VAL A 106 2.35 -6.13 -4.02
N VAL A 107 1.72 -5.58 -2.98
CA VAL A 107 0.38 -5.02 -3.09
C VAL A 107 0.54 -3.54 -2.77
N ALA A 108 0.24 -2.61 -3.67
CA ALA A 108 0.62 -1.22 -3.42
C ALA A 108 -0.51 -0.28 -3.74
N CYS A 109 -0.72 0.68 -2.87
CA CYS A 109 -1.79 1.66 -3.04
C CYS A 109 -1.35 2.90 -3.78
N THR A 110 -2.08 3.24 -4.83
CA THR A 110 -1.94 4.56 -5.48
C THR A 110 -3.30 5.25 -5.32
N SER A 111 -4.08 5.41 -6.36
CA SER A 111 -5.36 6.08 -6.23
C SER A 111 -6.22 5.83 -7.46
N ALA A 112 -7.51 5.96 -7.29
CA ALA A 112 -8.47 5.77 -8.38
C ALA A 112 -8.22 6.78 -9.49
N PHE A 113 -7.51 7.88 -9.27
CA PHE A 113 -7.23 8.82 -10.38
C PHE A 113 -6.49 8.11 -11.50
N LEU A 114 -5.77 7.05 -11.17
CA LEU A 114 -5.06 6.28 -12.21
C LEU A 114 -5.99 5.36 -12.99
N LEU A 115 -7.27 5.29 -12.67
CA LEU A 115 -8.30 4.57 -13.41
C LEU A 115 -9.29 5.49 -14.10
N TRP A 116 -9.52 6.61 -13.44
CA TRP A 116 -10.51 7.57 -13.94
C TRP A 116 -9.91 8.40 -15.07
N ASP A 117 -10.73 9.23 -15.70
CA ASP A 117 -10.28 10.12 -16.76
C ASP A 117 -9.10 10.91 -16.21
N PRO A 118 -7.88 10.67 -16.70
CA PRO A 118 -6.69 11.33 -16.20
C PRO A 118 -6.61 12.83 -16.47
N THR A 119 -7.70 13.50 -16.75
CA THR A 119 -7.76 14.93 -17.01
C THR A 119 -8.74 15.59 -16.04
N LYS A 120 -9.34 14.74 -15.22
CA LYS A 120 -10.27 14.90 -14.13
C LYS A 120 -9.58 14.90 -12.77
N VAL A 121 -8.26 15.02 -12.71
CA VAL A 121 -7.61 15.18 -11.40
C VAL A 121 -7.67 16.61 -10.89
N PRO A 122 -8.16 16.87 -9.69
CA PRO A 122 -8.16 18.23 -9.15
C PRO A 122 -6.74 18.78 -9.19
N PRO A 123 -6.58 20.02 -9.62
CA PRO A 123 -5.24 20.61 -9.73
C PRO A 123 -4.37 20.41 -8.51
N ARG A 124 -4.89 20.55 -7.30
CA ARG A 124 -3.96 20.51 -6.16
C ARG A 124 -3.51 19.10 -5.90
N LEU A 125 -4.17 18.09 -6.46
CA LEU A 125 -3.67 16.72 -6.33
C LEU A 125 -2.85 16.25 -7.51
N GLN A 126 -2.60 17.09 -8.49
CA GLN A 126 -1.89 16.60 -9.68
C GLN A 126 -0.44 16.18 -9.42
N ALA A 127 0.28 16.92 -8.58
CA ALA A 127 1.69 16.57 -8.32
C ALA A 127 1.86 15.22 -7.64
N VAL A 128 1.01 14.96 -6.62
CA VAL A 128 1.03 13.67 -5.96
C VAL A 128 0.61 12.59 -6.94
N THR A 129 -0.41 12.85 -7.73
CA THR A 129 -0.86 11.86 -8.72
C THR A 129 0.27 11.59 -9.72
N ASP A 130 1.05 12.57 -10.17
CA ASP A 130 2.14 12.29 -11.09
C ASP A 130 3.13 11.32 -10.46
N ASP A 131 3.35 11.45 -9.15
CA ASP A 131 4.28 10.49 -8.53
C ASP A 131 3.59 9.15 -8.32
N HIS A 132 2.28 9.11 -8.06
CA HIS A 132 1.61 7.80 -8.09
C HIS A 132 1.79 7.11 -9.43
N ILE A 133 1.72 7.90 -10.50
CA ILE A 133 1.88 7.28 -11.82
C ILE A 133 3.30 6.75 -11.97
N ARG A 134 4.32 7.51 -11.51
CA ARG A 134 5.67 6.98 -11.57
C ARG A 134 5.81 5.73 -10.71
N MET A 135 5.17 5.72 -9.53
CA MET A 135 5.26 4.52 -8.68
C MET A 135 4.62 3.33 -9.35
N HIS A 136 3.46 3.54 -9.95
CA HIS A 136 2.76 2.43 -10.63
C HIS A 136 3.62 1.87 -11.75
N LYS A 137 4.28 2.78 -12.50
CA LYS A 137 5.16 2.31 -13.57
C LYS A 137 6.29 1.47 -13.04
N VAL A 138 6.97 1.94 -12.00
CA VAL A 138 8.03 1.18 -11.36
C VAL A 138 7.56 -0.22 -11.02
N LEU A 139 6.36 -0.29 -10.41
CA LEU A 139 5.92 -1.61 -9.93
C LEU A 139 5.46 -2.46 -11.09
N ARG A 140 4.81 -1.87 -12.09
CA ARG A 140 4.32 -2.74 -13.18
C ARG A 140 5.49 -3.26 -13.98
N GLU A 141 6.57 -2.48 -14.09
CA GLU A 141 7.69 -2.90 -14.93
C GLU A 141 8.68 -3.78 -14.20
N SER A 142 8.50 -4.00 -12.91
CA SER A 142 9.41 -4.78 -12.10
C SER A 142 9.50 -6.28 -12.39
C SER A 142 9.32 -6.24 -12.52
N GLY A 143 8.55 -6.87 -13.08
N GLY A 143 8.13 -6.58 -13.06
CA GLY A 143 8.71 -8.33 -13.23
CA GLY A 143 7.83 -7.95 -13.45
C GLY A 143 8.35 -9.04 -11.94
C GLY A 143 7.45 -8.85 -12.28
N LEU A 144 7.63 -8.36 -11.04
N LEU A 144 7.55 -8.34 -11.06
CA LEU A 144 7.14 -9.04 -9.85
C LEU A 144 5.64 -9.17 -9.82
N LYS A 145 5.07 -10.03 -8.97
CA LYS A 145 3.62 -10.11 -8.90
C LYS A 145 3.12 -8.90 -8.15
N TYR A 146 2.39 -8.03 -8.86
CA TYR A 146 2.01 -6.73 -8.37
C TYR A 146 0.50 -6.53 -8.45
N VAL A 147 -0.10 -6.25 -7.32
CA VAL A 147 -1.50 -5.86 -7.30
C VAL A 147 -1.58 -4.36 -7.11
N ALA A 148 -2.13 -3.64 -8.09
CA ALA A 148 -2.26 -2.19 -7.98
C ALA A 148 -3.60 -1.87 -7.33
N VAL A 149 -3.59 -1.24 -6.16
CA VAL A 149 -4.82 -0.90 -5.46
C VAL A 149 -5.03 0.59 -5.65
N MET A 150 -6.19 0.93 -6.25
CA MET A 150 -6.43 2.28 -6.72
C MET A 150 -7.72 2.80 -6.08
N PRO A 151 -7.67 3.16 -4.80
CA PRO A 151 -8.91 3.52 -4.12
C PRO A 151 -9.41 4.95 -4.42
N PRO A 152 -10.70 5.14 -4.21
CA PRO A 152 -11.31 6.49 -4.26
C PRO A 152 -11.05 7.15 -2.91
N HIS A 153 -11.92 8.07 -2.53
CA HIS A 153 -11.70 8.74 -1.26
C HIS A 153 -11.64 7.76 -0.11
N ILE A 154 -10.67 7.91 0.78
CA ILE A 154 -10.49 7.02 1.93
C ILE A 154 -11.17 7.67 3.13
N GLY A 155 -12.17 6.96 3.66
CA GLY A 155 -12.95 7.45 4.76
C GLY A 155 -12.66 6.75 6.07
N ASP A 156 -13.44 7.13 7.09
CA ASP A 156 -13.25 6.54 8.42
C ASP A 156 -14.42 5.64 8.83
N GLN A 157 -15.22 5.20 7.85
CA GLN A 157 -16.35 4.31 8.21
C GLN A 157 -15.82 3.02 8.79
N PRO A 158 -16.68 2.25 9.46
CA PRO A 158 -16.23 0.98 10.04
C PRO A 158 -15.75 -0.03 9.03
N LEU A 159 -14.97 -0.95 9.59
CA LEU A 159 -14.64 -2.17 8.86
C LEU A 159 -15.90 -2.97 8.54
N THR A 160 -16.07 -3.35 7.29
CA THR A 160 -17.19 -4.17 6.91
C THR A 160 -16.75 -5.46 6.24
N GLY A 161 -15.64 -5.46 5.50
CA GLY A 161 -15.30 -6.65 4.71
C GLY A 161 -16.31 -6.92 3.59
N ALA A 162 -17.19 -5.95 3.27
CA ALA A 162 -18.32 -6.23 2.38
C ALA A 162 -18.30 -5.35 1.14
N TYR A 163 -17.21 -4.66 0.93
CA TYR A 163 -16.98 -3.78 -0.19
C TYR A 163 -16.91 -4.57 -1.49
N THR A 164 -17.03 -3.86 -2.60
CA THR A 164 -16.96 -4.38 -3.93
C THR A 164 -15.62 -4.04 -4.59
N VAL A 165 -15.08 -4.96 -5.36
CA VAL A 165 -13.80 -4.66 -6.03
C VAL A 165 -14.03 -4.78 -7.53
N THR A 166 -13.82 -3.66 -8.24
CA THR A 166 -13.94 -3.73 -9.69
C THR A 166 -12.55 -3.52 -10.29
N LEU A 167 -12.45 -3.73 -11.59
CA LEU A 167 -11.15 -3.59 -12.24
C LEU A 167 -11.04 -2.32 -13.08
N ASP A 168 -12.09 -1.48 -13.05
CA ASP A 168 -12.08 -0.33 -13.97
C ASP A 168 -12.41 1.02 -13.34
N GLY A 169 -12.54 1.08 -12.03
CA GLY A 169 -12.74 2.45 -11.47
C GLY A 169 -14.20 2.80 -11.37
N ARG A 170 -15.08 1.91 -11.84
CA ARG A 170 -16.51 2.15 -11.67
C ARG A 170 -16.95 1.25 -10.53
N GLY A 171 -17.91 1.68 -9.73
CA GLY A 171 -18.31 0.82 -8.62
C GLY A 171 -19.49 1.40 -7.87
N PRO A 172 -19.93 0.69 -6.83
CA PRO A 172 -21.08 1.23 -6.08
C PRO A 172 -20.82 2.60 -5.47
N SER A 173 -19.59 3.05 -5.22
CA SER A 173 -19.44 4.40 -4.64
C SER A 173 -18.07 4.97 -4.99
N ARG A 174 -17.82 6.17 -4.49
CA ARG A 174 -16.49 6.79 -4.62
C ARG A 174 -15.87 6.92 -3.22
N VAL A 175 -16.20 5.96 -2.34
CA VAL A 175 -15.53 5.97 -1.03
C VAL A 175 -15.21 4.54 -0.62
N ILE A 176 -14.11 4.44 0.11
CA ILE A 176 -13.77 3.16 0.77
C ILE A 176 -13.29 3.51 2.17
N SER A 177 -13.71 2.80 3.20
CA SER A 177 -13.16 3.10 4.51
C SER A 177 -11.70 2.67 4.58
N LYS A 178 -10.89 3.42 5.33
CA LYS A 178 -9.50 3.00 5.53
C LYS A 178 -9.44 1.56 6.04
N HIS A 179 -10.38 1.19 6.90
CA HIS A 179 -10.34 -0.20 7.42
C HIS A 179 -10.62 -1.23 6.32
N ASP A 180 -11.61 -0.94 5.49
CA ASP A 180 -11.91 -1.85 4.35
C ASP A 180 -10.77 -1.87 3.36
N LEU A 181 -10.14 -0.72 3.15
CA LEU A 181 -8.99 -0.70 2.23
C LEU A 181 -7.89 -1.60 2.76
N GLY A 182 -7.58 -1.51 4.06
CA GLY A 182 -6.56 -2.39 4.65
C GLY A 182 -6.97 -3.86 4.54
N HIS A 183 -8.24 -4.14 4.81
CA HIS A 183 -8.75 -5.52 4.69
C HIS A 183 -8.50 -6.05 3.28
N PHE A 184 -8.74 -5.17 2.28
CA PHE A 184 -8.55 -5.59 0.91
C PHE A 184 -7.08 -5.84 0.61
N MET A 185 -6.20 -4.96 1.13
CA MET A 185 -4.77 -5.21 0.89
C MET A 185 -4.35 -6.58 1.41
N LEU A 186 -4.90 -6.97 2.56
CA LEU A 186 -4.62 -8.27 3.11
C LEU A 186 -5.25 -9.37 2.27
N ARG A 187 -6.48 -9.15 1.76
CA ARG A 187 -7.10 -10.14 0.89
C ARG A 187 -6.16 -10.46 -0.28
N CYS A 188 -5.51 -9.43 -0.78
CA CYS A 188 -4.67 -9.64 -1.96
C CYS A 188 -3.49 -10.54 -1.67
N LEU A 189 -3.17 -10.81 -0.40
CA LEU A 189 -2.09 -11.73 -0.04
C LEU A 189 -2.51 -13.18 -0.22
N THR A 190 -3.81 -13.49 -0.35
CA THR A 190 -4.23 -14.87 -0.34
C THR A 190 -4.89 -15.28 -1.65
N THR A 191 -4.77 -14.39 -2.64
CA THR A 191 -5.23 -14.80 -3.96
C THR A 191 -4.28 -14.30 -5.03
N ASP A 192 -4.20 -14.93 -6.19
CA ASP A 192 -3.46 -14.36 -7.30
C ASP A 192 -4.40 -13.67 -8.27
N GLU A 193 -5.70 -13.59 -7.98
CA GLU A 193 -6.64 -13.18 -9.03
C GLU A 193 -6.51 -11.72 -9.46
N TYR A 194 -5.90 -10.90 -8.63
CA TYR A 194 -5.63 -9.52 -8.97
C TYR A 194 -4.18 -9.26 -9.40
N ASP A 195 -3.29 -10.26 -9.40
CA ASP A 195 -1.93 -10.02 -9.83
C ASP A 195 -1.92 -9.49 -11.25
N GLY A 196 -1.17 -8.40 -11.47
CA GLY A 196 -1.08 -7.80 -12.81
C GLY A 196 -2.26 -6.93 -13.18
N HIS A 197 -3.20 -6.71 -12.24
CA HIS A 197 -4.39 -5.91 -12.45
C HIS A 197 -4.41 -4.67 -11.59
N SER A 198 -5.25 -3.73 -12.01
CA SER A 198 -5.61 -2.58 -11.21
C SER A 198 -6.97 -2.84 -10.58
N THR A 199 -7.08 -2.45 -9.33
CA THR A 199 -8.29 -2.76 -8.58
C THR A 199 -8.86 -1.52 -7.92
N TYR A 200 -10.18 -1.47 -7.83
CA TYR A 200 -10.94 -0.35 -7.31
C TYR A 200 -11.88 -0.84 -6.24
N PRO A 201 -11.51 -0.75 -4.97
CA PRO A 201 -12.43 -1.09 -3.89
C PRO A 201 -13.31 0.09 -3.52
N SER A 202 -14.61 -0.22 -3.36
CA SER A 202 -15.53 0.85 -2.96
C SER A 202 -16.75 0.19 -2.31
N HIS A 203 -17.48 1.01 -1.55
CA HIS A 203 -18.65 0.54 -0.83
C HIS A 203 -19.59 1.67 -0.49
N GLN A 204 -20.88 1.34 -0.45
CA GLN A 204 -21.86 2.22 0.12
C GLN A 204 -22.07 1.91 1.60
N TYR A 205 -21.65 2.85 2.44
CA TYR A 205 -21.73 2.68 3.89
C TYR A 205 -23.04 3.22 4.48
PA NAP B . -0.72 8.76 4.78
O1A NAP B . -0.28 9.85 3.92
O2A NAP B . -1.68 8.94 5.96
O5B NAP B . 0.57 7.99 5.34
C5B NAP B . 1.78 8.01 4.53
C4B NAP B . 2.62 6.91 5.18
O4B NAP B . 3.89 6.93 4.43
C3B NAP B . 3.07 7.23 6.63
O3B NAP B . 3.29 5.97 7.28
C2B NAP B . 4.40 7.91 6.41
O2B NAP B . 5.23 7.84 7.56
C1B NAP B . 5.00 6.97 5.33
N9A NAP B . 6.12 7.70 4.72
C8A NAP B . 6.12 8.89 4.02
N7A NAP B . 7.35 9.19 3.65
C5A NAP B . 8.14 8.16 4.04
C6A NAP B . 9.54 8.00 3.96
N6A NAP B . 10.41 8.80 3.37
N1A NAP B . 10.01 6.80 4.55
C2A NAP B . 9.17 5.91 5.20
N3A NAP B . 7.83 6.02 5.26
C4A NAP B . 7.35 7.24 4.74
O3 NAP B . -1.45 7.73 3.82
PN NAP B . -2.91 7.26 3.56
O1N NAP B . -3.80 8.43 3.84
O2N NAP B . -3.26 5.99 4.24
O5D NAP B . -2.86 7.11 1.97
C5D NAP B . -2.34 5.88 1.39
C4D NAP B . -2.16 6.18 -0.08
O4D NAP B . -3.47 6.41 -0.61
C3D NAP B . -1.37 7.51 -0.37
O3D NAP B . -0.42 7.34 -1.42
C2D NAP B . -2.47 8.49 -0.78
O2D NAP B . -2.04 9.48 -1.70
C1D NAP B . -3.39 7.56 -1.51
N1N NAP B . -4.81 7.87 -1.59
C2N NAP B . -5.43 8.74 -0.58
C3N NAP B . -6.76 9.01 -0.73
C7N NAP B . -7.47 9.91 0.31
O7N NAP B . -8.65 9.98 0.10
N7N NAP B . -6.69 10.38 1.24
C4N NAP B . -7.56 8.42 -1.81
C5N NAP B . -6.95 7.55 -2.75
C6N NAP B . -5.52 7.26 -2.66
P2B NAP B . 5.23 8.88 8.79
O1X NAP B . 4.18 8.31 9.73
O2X NAP B . 6.63 8.76 9.27
O3X NAP B . 4.83 10.24 8.21
O1 MBV C . -10.49 15.41 0.67
C1 MBV C . -11.28 14.91 -0.18
N1 MBV C . -10.93 13.96 -1.22
C4 MBV C . -12.17 13.56 -1.90
C2 MBV C . -12.69 15.07 -0.22
C3 MBV C . -13.21 14.15 -1.31
C1A MBV C . -13.51 16.03 0.57
C2A MBV C . -14.66 13.98 -1.68
C5 MBV C . -12.15 12.52 -2.91
C6 MBV C . -11.10 11.87 -3.41
N2 MBV C . -9.71 12.10 -3.02
C9 MBV C . -8.92 11.17 -3.81
C7 MBV C . -11.12 10.79 -4.44
C8 MBV C . -9.87 10.38 -4.67
C1B MBV C . -12.36 10.25 -5.09
C6B MBV C . -9.43 9.32 -5.64
C10 MBV C . -7.59 11.04 -3.80
C11 MBV C . -6.69 11.77 -2.90
N3 MBV C . -7.00 12.65 -1.77
C14 MBV C . -5.73 13.12 -1.25
C12 MBV C . -5.36 11.72 -3.02
C13 MBV C . -4.73 12.59 -1.97
C6C MBV C . -4.58 10.92 -4.08
C1C MBV C . -3.26 12.78 -1.78
C15 MBV C . -5.74 14.00 -0.13
C16 MBV C . -5.96 15.32 0.05
N4 MBV C . -7.02 16.02 -0.39
C19 MBV C . -6.89 17.33 -0.01
C17 MBV C . -5.13 16.33 0.77
C18 MBV C . -5.64 17.46 0.74
C2D MBV C . -3.85 16.18 1.46
C1D MBV C . -5.22 18.86 1.31
O20 MBV C . -7.68 18.29 -0.23
C3A MBV C . -15.11 14.94 -2.76
C2B MBV C . -13.34 9.76 -4.05
C3B MBV C . -14.66 10.49 -4.12
O4B MBV C . -14.82 11.00 -5.35
O5B MBV C . -15.53 10.45 -3.27
C2C MBV C . -2.91 12.34 -0.38
C3C MBV C . -1.96 13.35 0.20
O4C MBV C . -2.66 14.22 0.95
O5C MBV C . -0.85 13.60 -0.24
C3D MBV C . -3.59 16.20 2.98
#